data_4YRT
#
_entry.id   4YRT
#
_cell.length_a   65.432
_cell.length_b   119.340
_cell.length_c   66.302
_cell.angle_alpha   90.000
_cell.angle_beta   93.390
_cell.angle_gamma   90.000
#
_symmetry.space_group_name_H-M   'I 1 2 1'
#
loop_
_entity.id
_entity.type
_entity.pdbx_description
1 polymer 'Histidyl-tRNA synthetase'
2 non-polymer HISTIDINE
3 non-polymer N-(5-hydroxynaphthalen-2-yl)propanamide
4 non-polymer 'SULFATE ION'
5 non-polymer 1,2-ETHANEDIOL
6 water water
#
_entity_poly.entity_id   1
_entity_poly.type   'polypeptide(L)'
_entity_poly.pdbx_seq_one_letter_code
;MAHHHHHHMGTLEAQTQGPGSMQKNMVETEPVQGCRDFPPEAMRCRRHLFDVFHATAKTFGFEEYDAPVLESEELYIRKA
GEEITEQMFNFITKGGHRVALRPEMTPSLARLLLGKGRSLLLPAKWYSIPQCWRYEAITRGRRREHYQWNMDIVGVKSVS
AEVELVCAACWAMRSLGLSSKDVGIKVNSRKVLQTVVEQAGVTSDKFAPVCVIVDKMEKIPREEVEAQLAVLGLEPTVVD
AITTTLSLKSIDEIAQRVGEEHEAVKELRQFFEQVEAYGYGDWVLFDASVVRGLAYYTGIVFEGFDREGKFRALCGGGRY
DNLLTTYGSPTPIPCAGFGFGDCVIVELLQEKRLLPDIPHVVDDVVIPFDESMRPHALAVLRRLRDAGRSADIILDKKKV
VQAFNYADRVGAVRAVLVAPEEWERGEVQVKMLREGTGKEEGGAERGFAVPLDRLV
;
_entity_poly.pdbx_strand_id   A
#
loop_
_chem_comp.id
_chem_comp.type
_chem_comp.name
_chem_comp.formula
781 non-polymer N-(5-hydroxynaphthalen-2-yl)propanamide 'C13 H13 N O2'
EDO non-polymer 1,2-ETHANEDIOL 'C2 H6 O2'
SO4 non-polymer 'SULFATE ION' 'O4 S -2'
#
# COMPACT_ATOMS: atom_id res chain seq x y z
N MET A 26 -15.50 -19.92 -28.40
CA MET A 26 -15.38 -18.87 -27.36
C MET A 26 -13.95 -18.82 -26.77
N VAL A 27 -13.38 -17.62 -26.73
CA VAL A 27 -12.08 -17.41 -26.07
C VAL A 27 -12.28 -17.51 -24.55
N GLU A 28 -11.22 -17.78 -23.81
CA GLU A 28 -11.32 -17.85 -22.35
C GLU A 28 -11.53 -16.46 -21.75
N THR A 29 -12.68 -16.26 -21.10
CA THR A 29 -13.03 -14.97 -20.51
C THR A 29 -12.42 -14.76 -19.12
N GLU A 30 -12.11 -15.84 -18.41
CA GLU A 30 -11.47 -15.70 -17.10
C GLU A 30 -10.02 -15.21 -17.29
N PRO A 31 -9.52 -14.39 -16.34
CA PRO A 31 -8.13 -13.95 -16.44
C PRO A 31 -7.17 -15.10 -16.09
N VAL A 32 -5.88 -14.87 -16.26
CA VAL A 32 -4.88 -15.87 -15.90
C VAL A 32 -4.98 -16.19 -14.39
N GLN A 33 -4.66 -17.43 -14.05
CA GLN A 33 -4.78 -17.94 -12.69
C GLN A 33 -4.20 -17.01 -11.63
N GLY A 34 -5.00 -16.69 -10.62
CA GLY A 34 -4.56 -15.88 -9.50
C GLY A 34 -4.45 -14.39 -9.78
N CYS A 35 -4.98 -13.92 -10.92
CA CYS A 35 -4.87 -12.52 -11.31
C CYS A 35 -6.24 -11.90 -11.44
N ARG A 36 -6.35 -10.62 -11.08
CA ARG A 36 -7.64 -9.91 -11.11
C ARG A 36 -7.87 -9.02 -12.32
N ASP A 37 -9.11 -9.04 -12.78
CA ASP A 37 -9.62 -8.04 -13.72
C ASP A 37 -10.22 -6.90 -12.92
N PHE A 38 -10.17 -5.70 -13.48
CA PHE A 38 -10.73 -4.51 -12.85
C PHE A 38 -11.56 -3.78 -13.89
N PRO A 39 -12.79 -4.28 -14.16
CA PRO A 39 -13.72 -3.52 -14.97
C PRO A 39 -14.16 -2.29 -14.17
N PRO A 40 -14.87 -1.35 -14.82
CA PRO A 40 -15.05 -0.01 -14.23
C PRO A 40 -15.49 0.00 -12.78
N GLU A 41 -16.41 -0.91 -12.44
CA GLU A 41 -16.96 -0.96 -11.08
C GLU A 41 -15.86 -1.23 -10.08
N ALA A 42 -15.14 -2.32 -10.31
CA ALA A 42 -13.99 -2.68 -9.46
C ALA A 42 -12.88 -1.63 -9.52
N MET A 43 -12.67 -1.04 -10.70
CA MET A 43 -11.60 -0.02 -10.85
C MET A 43 -11.90 1.22 -10.01
N ARG A 44 -13.19 1.59 -9.90
CA ARG A 44 -13.59 2.72 -9.04
C ARG A 44 -13.21 2.48 -7.58
N CYS A 45 -13.37 1.24 -7.12
CA CYS A 45 -13.01 0.84 -5.76
CA CYS A 45 -13.00 0.88 -5.75
C CYS A 45 -11.50 0.89 -5.54
N ARG A 46 -10.74 0.38 -6.51
CA ARG A 46 -9.28 0.46 -6.45
C ARG A 46 -8.79 1.93 -6.44
N ARG A 47 -9.41 2.77 -7.25
CA ARG A 47 -9.09 4.21 -7.29
C ARG A 47 -9.39 4.89 -5.96
N HIS A 48 -10.48 4.49 -5.33
CA HIS A 48 -10.81 5.03 -4.03
C HIS A 48 -9.67 4.77 -3.06
N LEU A 49 -9.16 3.55 -3.09
CA LEU A 49 -8.01 3.18 -2.28
C LEU A 49 -6.73 3.93 -2.69
N PHE A 50 -6.37 3.89 -3.97
CA PHE A 50 -5.13 4.51 -4.43
C PHE A 50 -5.14 6.02 -4.22
N ASP A 51 -6.29 6.65 -4.44
CA ASP A 51 -6.41 8.08 -4.19
C ASP A 51 -5.97 8.40 -2.76
N VAL A 52 -6.35 7.54 -1.81
CA VAL A 52 -5.90 7.71 -0.44
C VAL A 52 -4.38 7.53 -0.28
N PHE A 53 -3.82 6.52 -0.93
CA PHE A 53 -2.37 6.30 -0.81
C PHE A 53 -1.62 7.52 -1.34
N HIS A 54 -2.03 8.00 -2.51
CA HIS A 54 -1.39 9.17 -3.11
C HIS A 54 -1.57 10.42 -2.21
N ALA A 55 -2.79 10.61 -1.72
CA ALA A 55 -3.11 11.81 -1.00
C ALA A 55 -2.35 11.83 0.33
N THR A 56 -2.22 10.66 0.98
CA THR A 56 -1.44 10.55 2.22
C THR A 56 0.04 10.84 1.95
N ALA A 57 0.58 10.22 0.92
CA ALA A 57 1.97 10.45 0.54
C ALA A 57 2.25 11.95 0.31
N LYS A 58 1.35 12.64 -0.39
CA LYS A 58 1.51 14.08 -0.60
C LYS A 58 1.44 14.87 0.71
N THR A 59 0.52 14.49 1.57
CA THR A 59 0.36 15.12 2.87
C THR A 59 1.64 15.00 3.71
N PHE A 60 2.33 13.87 3.58
CA PHE A 60 3.50 13.60 4.37
C PHE A 60 4.83 13.96 3.67
N GLY A 61 4.72 14.53 2.46
CA GLY A 61 5.87 15.03 1.73
C GLY A 61 6.68 13.97 1.01
N PHE A 62 6.08 12.83 0.70
CA PHE A 62 6.78 11.75 -0.02
C PHE A 62 6.69 11.98 -1.53
N GLU A 63 7.71 11.52 -2.27
CA GLU A 63 7.77 11.67 -3.73
C GLU A 63 7.59 10.34 -4.42
N GLU A 64 6.79 10.34 -5.50
CA GLU A 64 6.51 9.09 -6.20
C GLU A 64 7.71 8.59 -7.04
N TYR A 65 7.84 7.28 -7.14
CA TYR A 65 8.79 6.68 -8.08
C TYR A 65 8.16 5.41 -8.59
N ASP A 66 8.84 4.79 -9.54
CA ASP A 66 8.44 3.48 -10.05
C ASP A 66 9.66 2.81 -10.66
N ALA A 67 9.56 1.51 -10.88
CA ALA A 67 10.62 0.72 -11.48
C ALA A 67 9.96 -0.47 -12.20
N PRO A 68 10.73 -1.22 -13.00
CA PRO A 68 10.10 -2.28 -13.78
C PRO A 68 9.60 -3.45 -12.94
N VAL A 69 8.44 -3.98 -13.31
CA VAL A 69 7.89 -5.16 -12.65
C VAL A 69 8.86 -6.36 -12.81
N LEU A 70 9.60 -6.36 -13.91
CA LEU A 70 10.63 -7.34 -14.21
C LEU A 70 11.99 -6.93 -13.61
N GLU A 71 12.50 -7.71 -12.66
CA GLU A 71 13.82 -7.50 -12.09
C GLU A 71 14.66 -8.77 -12.21
N SER A 72 15.99 -8.61 -12.14
CA SER A 72 16.88 -9.76 -12.11
C SER A 72 16.57 -10.59 -10.87
N GLU A 73 16.51 -11.90 -11.05
CA GLU A 73 16.27 -12.81 -9.94
C GLU A 73 17.33 -12.69 -8.86
N GLU A 74 18.57 -12.40 -9.25
CA GLU A 74 19.70 -12.27 -8.32
C GLU A 74 19.42 -11.18 -7.30
N LEU A 75 18.64 -10.19 -7.67
CA LEU A 75 18.25 -9.14 -6.76
C LEU A 75 17.62 -9.67 -5.48
N TYR A 76 16.95 -10.84 -5.56
CA TYR A 76 16.19 -11.38 -4.42
C TYR A 76 16.80 -12.58 -3.69
N ILE A 77 18.00 -13.00 -4.08
CA ILE A 77 18.61 -14.18 -3.46
C ILE A 77 19.22 -13.83 -2.09
N ARG A 78 18.43 -13.97 -1.02
CA ARG A 78 18.90 -13.63 0.34
C ARG A 78 19.25 -14.81 1.23
N LYS A 79 18.76 -16.01 0.88
CA LYS A 79 19.15 -17.26 1.54
C LYS A 79 18.84 -17.33 3.04
N ALA A 80 17.68 -16.79 3.43
CA ALA A 80 17.24 -16.77 4.82
C ALA A 80 15.94 -17.54 5.06
N GLY A 81 15.50 -18.33 4.08
CA GLY A 81 14.24 -19.08 4.16
C GLY A 81 12.99 -18.19 4.19
N GLU A 82 13.09 -16.98 3.66
CA GLU A 82 11.95 -16.06 3.63
C GLU A 82 10.85 -16.57 2.71
N GLU A 83 9.61 -16.46 3.17
CA GLU A 83 8.46 -16.87 2.39
C GLU A 83 8.42 -16.12 1.08
N ILE A 84 8.74 -14.84 1.15
CA ILE A 84 8.73 -13.94 -0.01
C ILE A 84 9.68 -14.37 -1.14
N THR A 85 10.86 -14.86 -0.79
CA THR A 85 11.84 -15.28 -1.78
C THR A 85 11.60 -16.71 -2.24
N GLU A 86 11.04 -17.54 -1.36
CA GLU A 86 10.63 -18.90 -1.72
C GLU A 86 9.50 -18.95 -2.76
N GLN A 87 8.59 -17.98 -2.74
CA GLN A 87 7.39 -18.00 -3.58
C GLN A 87 7.50 -17.02 -4.75
N MET A 88 8.61 -17.11 -5.47
CA MET A 88 9.01 -16.11 -6.44
C MET A 88 8.48 -16.53 -7.81
N PHE A 89 7.78 -15.60 -8.47
CA PHE A 89 7.25 -15.84 -9.81
C PHE A 89 8.37 -15.54 -10.80
N ASN A 90 9.21 -16.54 -11.06
CA ASN A 90 10.35 -16.31 -11.94
C ASN A 90 10.28 -17.12 -13.20
N PHE A 91 11.07 -16.69 -14.19
CA PHE A 91 11.19 -17.39 -15.45
C PHE A 91 12.48 -16.96 -16.11
N ILE A 92 12.83 -17.65 -17.20
CA ILE A 92 14.01 -17.34 -17.99
C ILE A 92 13.57 -16.70 -19.30
N THR A 93 14.18 -15.57 -19.65
CA THR A 93 13.91 -14.90 -20.93
C THR A 93 14.40 -15.80 -22.06
N LYS A 94 13.97 -15.51 -23.29
CA LYS A 94 14.52 -16.21 -24.46
C LYS A 94 16.04 -16.07 -24.48
N GLY A 95 16.54 -14.89 -24.08
CA GLY A 95 17.98 -14.64 -24.02
C GLY A 95 18.75 -15.39 -22.94
N GLY A 96 18.05 -16.11 -22.07
CA GLY A 96 18.69 -16.93 -21.04
C GLY A 96 18.89 -16.22 -19.70
N HIS A 97 18.40 -14.99 -19.57
CA HIS A 97 18.58 -14.23 -18.34
C HIS A 97 17.51 -14.59 -17.31
N ARG A 98 17.94 -14.79 -16.07
CA ARG A 98 17.05 -15.21 -14.98
C ARG A 98 16.35 -13.99 -14.38
N VAL A 99 15.04 -13.90 -14.56
CA VAL A 99 14.26 -12.74 -14.08
C VAL A 99 13.05 -13.17 -13.28
N ALA A 100 12.48 -12.21 -12.57
CA ALA A 100 11.26 -12.43 -11.82
C ALA A 100 10.33 -11.23 -11.93
N LEU A 101 9.03 -11.50 -11.86
CA LEU A 101 8.07 -10.48 -11.54
C LEU A 101 8.24 -10.19 -10.06
N ARG A 102 8.55 -8.94 -9.73
CA ARG A 102 8.97 -8.58 -8.37
C ARG A 102 8.04 -9.14 -7.29
N PRO A 103 8.62 -9.81 -6.26
CA PRO A 103 7.82 -10.22 -5.10
C PRO A 103 7.58 -9.07 -4.12
N GLU A 104 8.37 -8.02 -4.21
CA GLU A 104 8.28 -6.86 -3.33
C GLU A 104 9.05 -5.73 -4.00
N MET A 105 8.98 -4.54 -3.42
CA MET A 105 9.56 -3.34 -4.03
C MET A 105 10.87 -2.92 -3.44
N THR A 106 11.14 -3.31 -2.20
CA THR A 106 12.26 -2.72 -1.46
C THR A 106 13.60 -2.94 -2.15
N PRO A 107 13.84 -4.14 -2.73
CA PRO A 107 15.08 -4.33 -3.45
C PRO A 107 15.22 -3.41 -4.68
N SER A 108 14.12 -3.16 -5.38
CA SER A 108 14.10 -2.22 -6.51
C SER A 108 14.43 -0.80 -6.04
N LEU A 109 13.78 -0.37 -4.96
CA LEU A 109 14.11 0.92 -4.31
C LEU A 109 15.61 1.05 -4.03
N ALA A 110 16.20 0.03 -3.41
CA ALA A 110 17.61 0.08 -3.06
C ALA A 110 18.49 0.19 -4.29
N ARG A 111 18.12 -0.53 -5.35
CA ARG A 111 18.84 -0.50 -6.63
C ARG A 111 18.84 0.93 -7.17
N LEU A 112 17.66 1.54 -7.19
CA LEU A 112 17.53 2.96 -7.58
C LEU A 112 18.40 3.87 -6.74
N LEU A 113 18.32 3.74 -5.41
CA LEU A 113 19.10 4.58 -4.52
C LEU A 113 20.60 4.41 -4.79
N LEU A 114 21.04 3.15 -4.90
CA LEU A 114 22.44 2.83 -5.13
C LEU A 114 22.93 3.45 -6.45
N GLY A 115 22.10 3.31 -7.48
CA GLY A 115 22.39 3.89 -8.78
C GLY A 115 22.61 5.39 -8.77
N LYS A 116 21.97 6.11 -7.83
CA LYS A 116 22.12 7.56 -7.79
C LYS A 116 23.44 8.02 -7.16
N GLY A 117 24.06 7.17 -6.35
CA GLY A 117 25.35 7.49 -5.74
C GLY A 117 25.17 8.61 -4.73
N ARG A 118 26.21 9.43 -4.54
CA ARG A 118 26.11 10.52 -3.56
C ARG A 118 25.49 11.81 -4.16
N SER A 119 24.99 11.73 -5.39
CA SER A 119 24.12 12.77 -5.93
C SER A 119 22.70 12.72 -5.33
N LEU A 120 22.31 11.58 -4.75
CA LEU A 120 21.02 11.48 -4.06
C LEU A 120 21.01 12.38 -2.84
N LEU A 121 20.03 13.27 -2.78
CA LEU A 121 19.94 14.21 -1.67
C LEU A 121 19.15 13.60 -0.53
N LEU A 122 19.71 13.69 0.68
CA LEU A 122 19.15 13.02 1.85
C LEU A 122 18.80 14.06 2.90
N PRO A 123 17.70 13.88 3.63
CA PRO A 123 16.85 12.69 3.58
C PRO A 123 15.97 12.59 2.33
N ALA A 124 15.65 11.37 1.90
CA ALA A 124 14.71 11.13 0.80
C ALA A 124 13.51 10.35 1.31
N LYS A 125 12.33 10.76 0.85
CA LYS A 125 11.08 10.13 1.22
C LYS A 125 10.36 9.76 -0.07
N TRP A 126 10.37 8.47 -0.39
CA TRP A 126 9.91 7.98 -1.68
C TRP A 126 8.74 7.01 -1.50
N TYR A 127 7.75 7.09 -2.38
CA TYR A 127 6.65 6.15 -2.34
C TYR A 127 6.31 5.61 -3.73
N SER A 128 5.59 4.49 -3.72
CA SER A 128 5.12 3.87 -4.94
CA SER A 128 5.13 3.85 -4.95
C SER A 128 3.94 2.94 -4.63
N ILE A 129 3.20 2.55 -5.65
CA ILE A 129 2.09 1.61 -5.50
C ILE A 129 2.23 0.46 -6.51
N PRO A 130 3.33 -0.30 -6.44
CA PRO A 130 3.57 -1.38 -7.41
C PRO A 130 2.68 -2.60 -7.24
N GLN A 131 2.32 -3.21 -8.36
CA GLN A 131 1.81 -4.55 -8.36
C GLN A 131 2.99 -5.48 -8.10
N CYS A 132 2.85 -6.33 -7.09
CA CYS A 132 3.86 -7.33 -6.78
C CYS A 132 3.25 -8.72 -6.93
N TRP A 133 4.12 -9.71 -7.10
CA TRP A 133 3.74 -11.02 -7.57
C TRP A 133 4.30 -12.13 -6.71
N ARG A 134 3.66 -13.29 -6.77
CA ARG A 134 4.15 -14.50 -6.15
C ARG A 134 3.60 -15.70 -6.89
N TYR A 135 4.20 -16.86 -6.64
CA TYR A 135 3.77 -18.12 -7.19
C TYR A 135 3.89 -19.17 -6.09
N GLU A 136 2.85 -19.95 -5.87
CA GLU A 136 2.84 -20.97 -4.80
C GLU A 136 2.69 -22.38 -5.37
N ARG A 142 -5.75 -18.95 -4.35
CA ARG A 142 -4.88 -17.91 -3.78
C ARG A 142 -4.39 -16.92 -4.85
N ARG A 143 -4.44 -15.64 -4.53
CA ARG A 143 -3.97 -14.61 -5.44
C ARG A 143 -2.47 -14.73 -5.72
N ARG A 144 -2.09 -14.44 -6.97
CA ARG A 144 -0.68 -14.36 -7.36
C ARG A 144 -0.21 -12.92 -7.58
N GLU A 145 -1.10 -11.95 -7.45
CA GLU A 145 -0.74 -10.55 -7.55
C GLU A 145 -1.50 -9.72 -6.54
N HIS A 146 -0.85 -8.67 -6.07
CA HIS A 146 -1.50 -7.66 -5.27
C HIS A 146 -0.80 -6.34 -5.52
N TYR A 147 -1.52 -5.25 -5.32
CA TYR A 147 -0.90 -3.93 -5.27
C TYR A 147 -0.49 -3.63 -3.83
N GLN A 148 0.64 -2.95 -3.67
CA GLN A 148 1.22 -2.71 -2.37
C GLN A 148 1.79 -1.32 -2.31
N TRP A 149 1.15 -0.47 -1.53
CA TRP A 149 1.65 0.87 -1.28
C TRP A 149 2.95 0.73 -0.51
N ASN A 150 4.00 1.36 -1.02
CA ASN A 150 5.32 1.37 -0.37
C ASN A 150 5.70 2.78 0.01
N MET A 151 6.14 2.97 1.25
CA MET A 151 6.61 4.26 1.75
C MET A 151 7.94 4.04 2.46
N ASP A 152 8.96 4.81 2.06
CA ASP A 152 10.29 4.64 2.62
C ASP A 152 10.96 5.97 2.85
N ILE A 153 11.60 6.06 4.02
CA ILE A 153 12.46 7.17 4.39
C ILE A 153 13.92 6.74 4.42
N VAL A 154 14.74 7.47 3.69
CA VAL A 154 16.11 7.09 3.45
C VAL A 154 17.02 8.19 3.97
N GLY A 155 18.05 7.77 4.69
CA GLY A 155 19.06 8.73 5.17
C GLY A 155 18.77 9.29 6.56
N VAL A 156 17.77 8.73 7.24
CA VAL A 156 17.39 9.16 8.59
C VAL A 156 17.69 8.07 9.63
N LYS A 157 18.67 8.34 10.49
CA LYS A 157 19.11 7.42 11.51
C LYS A 157 18.15 7.30 12.69
N SER A 158 17.49 8.39 13.05
CA SER A 158 16.69 8.43 14.28
C SER A 158 15.30 7.85 14.13
N VAL A 159 14.69 7.50 15.27
CA VAL A 159 13.34 6.92 15.27
C VAL A 159 12.24 7.82 14.71
N SER A 160 12.52 9.11 14.51
CA SER A 160 11.58 10.03 13.83
C SER A 160 11.08 9.52 12.47
N ALA A 161 11.91 8.77 11.76
CA ALA A 161 11.51 8.11 10.51
C ALA A 161 10.37 7.12 10.74
N GLU A 162 10.59 6.18 11.66
CA GLU A 162 9.56 5.19 11.98
C GLU A 162 8.30 5.89 12.48
N VAL A 163 8.47 6.95 13.28
CA VAL A 163 7.32 7.69 13.78
C VAL A 163 6.47 8.20 12.61
N GLU A 164 7.12 8.87 11.66
CA GLU A 164 6.42 9.39 10.50
C GLU A 164 5.75 8.29 9.67
N LEU A 165 6.46 7.19 9.47
CA LEU A 165 5.93 6.09 8.67
C LEU A 165 4.66 5.52 9.30
N VAL A 166 4.69 5.28 10.61
CA VAL A 166 3.56 4.73 11.34
C VAL A 166 2.41 5.72 11.34
N CYS A 167 2.70 7.00 11.53
CA CYS A 167 1.67 8.02 11.45
C CYS A 167 1.04 8.10 10.06
N ALA A 168 1.86 7.95 9.02
CA ALA A 168 1.35 7.89 7.64
C ALA A 168 0.40 6.71 7.42
N ALA A 169 0.73 5.55 7.95
CA ALA A 169 -0.18 4.39 7.83
C ALA A 169 -1.47 4.62 8.60
N CYS A 170 -1.40 5.24 9.77
CA CYS A 170 -2.63 5.54 10.53
C CYS A 170 -3.49 6.56 9.77
N TRP A 171 -2.82 7.54 9.17
CA TRP A 171 -3.50 8.60 8.42
C TRP A 171 -4.25 8.04 7.20
N ALA A 172 -3.62 7.11 6.50
CA ALA A 172 -4.25 6.42 5.38
C ALA A 172 -5.49 5.66 5.87
N MET A 173 -5.37 4.96 6.98
CA MET A 173 -6.52 4.22 7.51
C MET A 173 -7.63 5.16 7.98
N ARG A 174 -7.29 6.27 8.63
CA ARG A 174 -8.29 7.25 9.04
C ARG A 174 -9.02 7.87 7.83
N SER A 175 -8.24 8.20 6.81
CA SER A 175 -8.75 8.75 5.56
C SER A 175 -9.74 7.78 4.89
N LEU A 176 -9.53 6.47 5.05
CA LEU A 176 -10.50 5.47 4.53
C LEU A 176 -11.76 5.27 5.38
N GLY A 177 -11.81 5.93 6.54
CA GLY A 177 -12.99 5.88 7.39
C GLY A 177 -12.83 5.05 8.66
N LEU A 178 -11.63 4.51 8.89
CA LEU A 178 -11.37 3.69 10.07
C LEU A 178 -10.92 4.56 11.24
N SER A 179 -11.06 4.03 12.45
CA SER A 179 -10.61 4.73 13.63
C SER A 179 -9.70 3.84 14.47
N SER A 180 -9.11 4.42 15.50
CA SER A 180 -8.28 3.67 16.44
C SER A 180 -9.09 2.62 17.20
N LYS A 181 -10.42 2.70 17.14
CA LYS A 181 -11.28 1.63 17.65
C LYS A 181 -11.27 0.40 16.72
N ASP A 182 -11.05 0.61 15.42
CA ASP A 182 -11.06 -0.47 14.44
C ASP A 182 -9.71 -1.15 14.28
N VAL A 183 -8.66 -0.35 14.32
CA VAL A 183 -7.31 -0.80 13.98
C VAL A 183 -6.29 -0.27 14.96
N GLY A 184 -5.13 -0.93 14.97
CA GLY A 184 -3.96 -0.38 15.63
C GLY A 184 -2.70 -0.78 14.90
N ILE A 185 -1.57 -0.31 15.42
CA ILE A 185 -0.27 -0.68 14.88
CA ILE A 185 -0.26 -0.64 14.88
C ILE A 185 0.59 -1.18 16.03
N LYS A 186 1.00 -2.45 15.91
CA LYS A 186 1.84 -3.11 16.92
C LYS A 186 3.30 -2.86 16.58
N VAL A 187 4.09 -2.54 17.60
CA VAL A 187 5.47 -2.09 17.40
C VAL A 187 6.46 -2.82 18.31
N ASN A 188 7.65 -3.10 17.79
CA ASN A 188 8.72 -3.73 18.57
C ASN A 188 10.07 -3.34 17.97
N SER A 189 11.17 -3.75 18.57
CA SER A 189 12.47 -3.62 17.93
C SER A 189 13.17 -4.96 17.92
N ARG A 190 13.75 -5.31 16.78
CA ARG A 190 14.54 -6.54 16.64
C ARG A 190 15.84 -6.52 17.43
N LYS A 191 16.27 -5.35 17.88
CA LYS A 191 17.53 -5.25 18.64
C LYS A 191 17.48 -5.98 19.97
N VAL A 192 16.30 -6.05 20.57
CA VAL A 192 16.09 -6.86 21.78
C VAL A 192 16.51 -8.29 21.50
N LEU A 193 15.91 -8.89 20.47
CA LEU A 193 16.21 -10.26 20.10
C LEU A 193 17.68 -10.44 19.65
N GLN A 194 18.20 -9.44 18.95
CA GLN A 194 19.59 -9.47 18.47
C GLN A 194 20.57 -9.70 19.62
N THR A 195 20.35 -8.97 20.71
CA THR A 195 21.17 -9.09 21.91
C THR A 195 21.08 -10.49 22.52
N VAL A 196 19.86 -10.98 22.67
CA VAL A 196 19.62 -12.29 23.29
C VAL A 196 20.31 -13.38 22.46
N VAL A 197 20.20 -13.28 21.14
CA VAL A 197 20.83 -14.25 20.24
C VAL A 197 22.36 -14.18 20.31
N GLU A 198 22.90 -12.95 20.30
CA GLU A 198 24.35 -12.74 20.42
C GLU A 198 24.87 -13.25 21.75
N GLN A 199 24.21 -12.85 22.84
CA GLN A 199 24.62 -13.23 24.19
C GLN A 199 24.60 -14.74 24.43
N ALA A 200 23.69 -15.44 23.76
CA ALA A 200 23.59 -16.90 23.87
C ALA A 200 24.67 -17.65 23.06
N GLY A 201 25.56 -16.90 22.41
CA GLY A 201 26.70 -17.49 21.69
C GLY A 201 26.43 -17.84 20.25
N VAL A 202 25.25 -17.47 19.75
CA VAL A 202 24.86 -17.81 18.37
C VAL A 202 25.49 -16.83 17.40
N THR A 203 26.09 -17.37 16.33
CA THR A 203 26.66 -16.56 15.26
C THR A 203 25.57 -15.70 14.58
N SER A 204 25.93 -14.47 14.25
CA SER A 204 24.96 -13.48 13.80
C SER A 204 24.42 -13.74 12.39
N ASP A 205 25.08 -14.60 11.63
CA ASP A 205 24.56 -15.08 10.34
C ASP A 205 23.25 -15.88 10.48
N LYS A 206 22.99 -16.42 11.68
CA LYS A 206 21.76 -17.15 11.98
C LYS A 206 20.61 -16.26 12.48
N PHE A 207 20.92 -15.03 12.87
CA PHE A 207 19.92 -14.11 13.44
C PHE A 207 18.74 -13.83 12.50
N ALA A 208 19.05 -13.57 11.22
CA ALA A 208 18.01 -13.32 10.22
C ALA A 208 17.12 -14.56 9.97
N PRO A 209 17.73 -15.72 9.67
CA PRO A 209 16.96 -16.98 9.59
C PRO A 209 16.09 -17.23 10.82
N VAL A 210 16.62 -16.89 11.99
CA VAL A 210 15.88 -17.02 13.26
C VAL A 210 14.63 -16.14 13.28
N CYS A 211 14.79 -14.88 12.88
CA CYS A 211 13.65 -13.96 12.80
C CYS A 211 12.56 -14.47 11.87
N VAL A 212 12.98 -15.06 10.76
CA VAL A 212 12.04 -15.67 9.81
C VAL A 212 11.25 -16.78 10.50
N ILE A 213 11.93 -17.61 11.26
CA ILE A 213 11.27 -18.72 11.94
C ILE A 213 10.33 -18.21 13.04
N VAL A 214 10.89 -17.40 13.94
CA VAL A 214 10.15 -16.79 15.04
C VAL A 214 8.92 -15.99 14.55
N ASP A 215 9.02 -15.41 13.36
CA ASP A 215 7.90 -14.73 12.71
C ASP A 215 6.67 -15.62 12.57
N LYS A 216 6.88 -16.93 12.44
CA LYS A 216 5.78 -17.88 12.31
C LYS A 216 5.15 -18.30 13.65
N MET A 217 5.57 -17.69 14.76
CA MET A 217 5.19 -18.15 16.11
C MET A 217 3.67 -18.24 16.34
N GLU A 218 2.96 -17.17 16.01
CA GLU A 218 1.51 -17.14 16.20
C GLU A 218 0.77 -18.10 15.27
N LYS A 219 1.30 -18.27 14.06
CA LYS A 219 0.60 -19.02 13.01
C LYS A 219 0.69 -20.54 13.13
N ILE A 220 1.79 -21.06 13.68
CA ILE A 220 2.01 -22.52 13.81
C ILE A 220 2.30 -22.88 15.27
N PRO A 221 2.27 -24.21 15.59
CA PRO A 221 2.48 -24.61 16.99
C PRO A 221 3.89 -24.31 17.50
N ARG A 222 3.99 -23.90 18.77
CA ARG A 222 5.28 -23.62 19.41
C ARG A 222 6.26 -24.78 19.25
N GLU A 223 5.75 -26.01 19.34
CA GLU A 223 6.55 -27.21 19.12
C GLU A 223 7.25 -27.15 17.76
N GLU A 224 6.48 -26.80 16.72
CA GLU A 224 7.00 -26.75 15.35
C GLU A 224 8.06 -25.63 15.16
N VAL A 225 7.80 -24.47 15.76
CA VAL A 225 8.76 -23.35 15.69
C VAL A 225 10.08 -23.72 16.37
N GLU A 226 9.98 -24.35 17.54
CA GLU A 226 11.16 -24.80 18.28
C GLU A 226 11.94 -25.85 17.48
N ALA A 227 11.20 -26.73 16.80
CA ALA A 227 11.80 -27.75 15.94
C ALA A 227 12.58 -27.10 14.79
N GLN A 228 12.02 -26.04 14.21
CA GLN A 228 12.71 -25.32 13.13
C GLN A 228 13.97 -24.63 13.63
N LEU A 229 13.89 -24.04 14.82
CA LEU A 229 15.07 -23.45 15.44
C LEU A 229 16.11 -24.52 15.75
N ALA A 230 15.64 -25.71 16.13
CA ALA A 230 16.51 -26.87 16.38
C ALA A 230 17.27 -27.29 15.12
N VAL A 231 16.59 -27.30 13.98
CA VAL A 231 17.22 -27.68 12.70
C VAL A 231 18.32 -26.71 12.28
N LEU A 232 18.21 -25.44 12.67
CA LEU A 232 19.25 -24.45 12.40
C LEU A 232 20.54 -24.71 13.19
N GLY A 233 20.47 -25.55 14.21
CA GLY A 233 21.62 -25.87 15.04
C GLY A 233 21.67 -25.05 16.32
N LEU A 234 20.49 -24.67 16.83
CA LEU A 234 20.40 -23.99 18.13
C LEU A 234 19.87 -24.99 19.15
N GLU A 235 20.44 -24.97 20.36
CA GLU A 235 20.04 -25.89 21.43
C GLU A 235 18.90 -25.30 22.28
N PRO A 236 18.21 -26.15 23.08
CA PRO A 236 17.02 -25.75 23.85
C PRO A 236 17.17 -24.48 24.72
N THR A 237 18.35 -24.29 25.31
CA THR A 237 18.59 -23.13 26.17
C THR A 237 18.41 -21.84 25.39
N VAL A 238 19.00 -21.81 24.20
CA VAL A 238 18.93 -20.65 23.31
C VAL A 238 17.48 -20.41 22.89
N VAL A 239 16.78 -21.50 22.59
CA VAL A 239 15.39 -21.47 22.15
C VAL A 239 14.50 -20.87 23.25
N ASP A 240 14.73 -21.31 24.48
CA ASP A 240 14.00 -20.80 25.63
C ASP A 240 14.17 -19.29 25.79
N ALA A 241 15.40 -18.81 25.68
CA ALA A 241 15.70 -17.40 25.83
C ALA A 241 14.92 -16.55 24.82
N ILE A 242 14.73 -17.09 23.62
CA ILE A 242 13.99 -16.41 22.57
C ILE A 242 12.49 -16.36 22.87
N THR A 243 11.91 -17.52 23.20
CA THR A 243 10.49 -17.62 23.52
C THR A 243 10.07 -16.68 24.63
N THR A 244 10.89 -16.63 25.69
CA THR A 244 10.63 -15.79 26.85
C THR A 244 10.55 -14.31 26.47
N THR A 245 11.47 -13.85 25.61
CA THR A 245 11.53 -12.43 25.26
C THR A 245 10.34 -12.02 24.38
N LEU A 246 9.96 -12.89 23.45
CA LEU A 246 8.80 -12.65 22.59
C LEU A 246 7.48 -12.48 23.35
N SER A 247 7.37 -13.08 24.52
CA SER A 247 6.13 -13.04 25.29
C SER A 247 6.13 -11.99 26.42
N LEU A 248 7.19 -11.19 26.51
CA LEU A 248 7.22 -10.07 27.46
C LEU A 248 6.22 -9.00 27.03
N LYS A 249 5.31 -8.65 27.92
CA LYS A 249 4.11 -7.87 27.55
C LYS A 249 4.28 -6.36 27.65
N SER A 250 5.44 -5.87 28.08
CA SER A 250 5.65 -4.42 28.25
C SER A 250 7.10 -3.97 28.09
N ILE A 251 7.30 -2.67 27.92
CA ILE A 251 8.64 -2.12 27.72
C ILE A 251 9.45 -2.09 29.01
N ASP A 252 8.76 -1.92 30.14
CA ASP A 252 9.44 -2.02 31.43
C ASP A 252 10.06 -3.42 31.61
N GLU A 253 9.33 -4.45 31.22
CA GLU A 253 9.83 -5.83 31.31
C GLU A 253 11.04 -6.08 30.39
N ILE A 254 11.01 -5.51 29.20
CA ILE A 254 12.19 -5.55 28.32
C ILE A 254 13.37 -4.89 29.03
N ALA A 255 13.14 -3.71 29.58
CA ALA A 255 14.18 -2.99 30.31
C ALA A 255 14.80 -3.85 31.43
N GLN A 256 13.99 -4.66 32.11
CA GLN A 256 14.51 -5.59 33.11
C GLN A 256 15.47 -6.61 32.51
N ARG A 257 15.10 -7.18 31.37
CA ARG A 257 15.96 -8.16 30.70
C ARG A 257 17.26 -7.55 30.16
N VAL A 258 17.21 -6.30 29.69
CA VAL A 258 18.36 -5.67 29.01
C VAL A 258 18.75 -4.25 29.53
N GLY A 259 18.18 -3.82 30.65
CA GLY A 259 18.45 -2.46 31.17
C GLY A 259 17.59 -1.38 30.54
N GLU A 260 17.33 -0.31 31.29
CA GLU A 260 16.54 0.85 30.81
C GLU A 260 17.29 1.63 29.72
N GLU A 261 18.62 1.56 29.72
CA GLU A 261 19.45 2.28 28.76
C GLU A 261 20.01 1.41 27.62
N HIS A 262 19.46 0.21 27.42
CA HIS A 262 19.75 -0.57 26.20
C HIS A 262 19.17 0.20 25.05
N GLU A 263 19.93 0.38 23.97
CA GLU A 263 19.54 1.31 22.90
C GLU A 263 18.11 1.10 22.43
N ALA A 264 17.67 -0.16 22.40
CA ALA A 264 16.29 -0.48 22.04
C ALA A 264 15.25 0.15 22.99
N VAL A 265 15.56 0.22 24.29
CA VAL A 265 14.61 0.81 25.23
C VAL A 265 14.43 2.29 24.92
N LYS A 266 15.53 3.04 24.88
CA LYS A 266 15.48 4.48 24.54
C LYS A 266 14.75 4.74 23.23
N GLU A 267 15.03 3.94 22.21
CA GLU A 267 14.43 4.14 20.88
C GLU A 267 12.91 3.94 20.91
N LEU A 268 12.47 2.82 21.48
CA LEU A 268 11.03 2.57 21.61
C LEU A 268 10.31 3.67 22.40
N ARG A 269 10.89 4.05 23.54
CA ARG A 269 10.28 5.11 24.35
C ARG A 269 10.21 6.41 23.56
N GLN A 270 11.28 6.74 22.84
CA GLN A 270 11.30 7.91 21.99
C GLN A 270 10.23 7.83 20.91
N PHE A 271 10.12 6.65 20.31
CA PHE A 271 9.08 6.39 19.31
C PHE A 271 7.68 6.63 19.87
N PHE A 272 7.39 6.10 21.07
CA PHE A 272 6.04 6.27 21.61
C PHE A 272 5.78 7.70 22.05
N GLU A 273 6.78 8.36 22.64
CA GLU A 273 6.62 9.78 22.97
C GLU A 273 6.30 10.62 21.72
N GLN A 274 6.98 10.35 20.61
CA GLN A 274 6.77 11.15 19.40
C GLN A 274 5.40 10.90 18.76
N VAL A 275 4.99 9.64 18.68
CA VAL A 275 3.67 9.32 18.12
C VAL A 275 2.57 9.98 18.98
N GLU A 276 2.78 10.02 20.30
CA GLU A 276 1.80 10.61 21.21
C GLU A 276 1.66 12.11 21.01
N ALA A 277 2.80 12.81 20.93
CA ALA A 277 2.87 14.23 20.57
C ALA A 277 2.23 14.56 19.21
N TYR A 278 2.34 13.66 18.24
CA TYR A 278 1.65 13.85 16.94
C TYR A 278 0.13 13.65 17.02
N GLY A 279 -0.31 12.92 18.05
CA GLY A 279 -1.74 12.76 18.32
C GLY A 279 -2.31 11.40 17.96
N TYR A 280 -1.45 10.43 17.66
CA TYR A 280 -1.91 9.07 17.32
C TYR A 280 -1.58 8.03 18.39
N GLY A 281 -1.43 8.47 19.64
CA GLY A 281 -1.08 7.58 20.75
C GLY A 281 -2.04 6.41 20.91
N ASP A 282 -3.33 6.65 20.68
CA ASP A 282 -4.34 5.59 20.77
C ASP A 282 -4.27 4.56 19.64
N TRP A 283 -3.51 4.86 18.58
CA TRP A 283 -3.39 3.92 17.45
C TRP A 283 -2.27 2.89 17.62
N VAL A 284 -1.32 3.15 18.50
CA VAL A 284 -0.10 2.34 18.54
C VAL A 284 0.09 1.64 19.88
N LEU A 285 0.81 0.51 19.87
CA LEU A 285 1.11 -0.20 21.10
C LEU A 285 2.36 -1.07 20.95
N PHE A 286 2.95 -1.42 22.08
CA PHE A 286 4.10 -2.31 22.10
C PHE A 286 3.67 -3.77 22.00
N ASP A 287 4.38 -4.55 21.20
CA ASP A 287 4.15 -5.99 21.17
C ASP A 287 5.47 -6.72 20.89
N ALA A 288 6.00 -7.39 21.91
CA ALA A 288 7.30 -8.07 21.81
C ALA A 288 7.32 -9.25 20.84
N SER A 289 6.14 -9.71 20.41
CA SER A 289 6.08 -10.82 19.46
C SER A 289 6.20 -10.38 18.00
N VAL A 290 6.20 -9.08 17.72
CA VAL A 290 6.29 -8.62 16.34
C VAL A 290 7.75 -8.56 15.88
N VAL A 291 8.06 -9.37 14.87
CA VAL A 291 9.41 -9.44 14.28
C VAL A 291 9.41 -9.21 12.77
N ARG A 292 8.32 -9.55 12.09
CA ARG A 292 8.17 -9.51 10.63
C ARG A 292 8.96 -10.64 9.98
N GLY A 293 8.59 -10.97 8.75
CA GLY A 293 9.14 -12.13 8.06
C GLY A 293 10.37 -11.88 7.18
N LEU A 294 10.80 -10.63 7.06
CA LEU A 294 11.89 -10.29 6.14
C LEU A 294 13.26 -10.25 6.82
N ALA A 295 14.28 -10.72 6.11
CA ALA A 295 15.62 -10.84 6.68
C ALA A 295 16.24 -9.50 7.03
N TYR A 296 15.92 -8.46 6.27
CA TYR A 296 16.70 -7.23 6.32
C TYR A 296 16.35 -6.23 7.44
N TYR A 297 15.34 -6.49 8.24
CA TYR A 297 15.03 -5.52 9.30
C TYR A 297 16.06 -5.63 10.45
N THR A 298 16.53 -4.46 10.90
CA THR A 298 17.59 -4.36 11.92
C THR A 298 17.14 -3.69 13.22
N GLY A 299 16.07 -2.91 13.15
CA GLY A 299 15.66 -2.09 14.30
C GLY A 299 14.18 -2.25 14.57
N ILE A 300 13.52 -1.11 14.73
CA ILE A 300 12.06 -1.06 14.94
C ILE A 300 11.31 -1.74 13.80
N VAL A 301 10.33 -2.56 14.18
CA VAL A 301 9.45 -3.23 13.23
C VAL A 301 8.01 -3.00 13.70
N PHE A 302 7.10 -3.06 12.75
CA PHE A 302 5.70 -2.80 13.05
C PHE A 302 4.75 -3.41 12.07
N GLU A 303 3.51 -3.59 12.52
CA GLU A 303 2.45 -4.07 11.67
C GLU A 303 1.07 -3.64 12.13
N GLY A 304 0.22 -3.37 11.16
CA GLY A 304 -1.14 -2.96 11.40
C GLY A 304 -2.03 -4.18 11.57
N PHE A 305 -3.06 -4.04 12.38
CA PHE A 305 -3.98 -5.14 12.65
C PHE A 305 -5.35 -4.57 12.93
N ASP A 306 -6.37 -5.39 12.72
CA ASP A 306 -7.75 -5.07 13.10
C ASP A 306 -7.97 -5.52 14.53
N ARG A 307 -8.63 -4.68 15.31
CA ARG A 307 -8.84 -4.93 16.74
C ARG A 307 -9.89 -5.98 17.07
N GLU A 308 -10.53 -6.58 16.07
CA GLU A 308 -11.41 -7.74 16.27
C GLU A 308 -10.67 -9.08 16.10
N GLY A 309 -9.43 -9.03 15.63
CA GLY A 309 -8.64 -10.24 15.46
C GLY A 309 -9.13 -11.18 14.36
N LYS A 310 -9.69 -10.59 13.31
CA LYS A 310 -10.28 -11.35 12.22
C LYS A 310 -9.42 -11.49 10.97
N PHE A 311 -8.48 -10.57 10.78
CA PHE A 311 -7.72 -10.53 9.53
C PHE A 311 -6.21 -10.64 9.76
N ARG A 312 -5.52 -10.96 8.69
CA ARG A 312 -4.06 -10.90 8.64
C ARG A 312 -3.59 -9.44 8.81
N ALA A 313 -2.28 -9.25 8.86
CA ALA A 313 -1.71 -7.91 9.02
C ALA A 313 -2.20 -6.96 7.91
N LEU A 314 -2.52 -5.72 8.27
CA LEU A 314 -3.00 -4.71 7.32
C LEU A 314 -1.84 -4.06 6.58
N CYS A 315 -0.71 -4.03 7.25
CA CYS A 315 0.49 -3.42 6.71
C CYS A 315 1.64 -3.83 7.59
N GLY A 316 2.86 -3.58 7.12
CA GLY A 316 4.01 -4.05 7.84
C GLY A 316 5.27 -3.41 7.36
N GLY A 317 6.20 -3.18 8.29
CA GLY A 317 7.45 -2.52 7.92
C GLY A 317 8.46 -2.51 9.04
N GLY A 318 9.46 -1.64 8.88
CA GLY A 318 10.50 -1.46 9.87
C GLY A 318 11.75 -0.83 9.28
N ARG A 319 12.79 -0.77 10.13
CA ARG A 319 14.06 -0.17 9.76
C ARG A 319 14.99 -1.25 9.22
N TYR A 320 15.72 -0.92 8.17
CA TYR A 320 16.63 -1.86 7.52
C TYR A 320 17.91 -1.12 7.17
N ASP A 321 18.78 -0.95 8.18
CA ASP A 321 19.92 -0.04 8.08
C ASP A 321 21.11 -0.63 7.34
N ASN A 322 21.08 -1.93 7.05
CA ASN A 322 22.21 -2.64 6.43
C ASN A 322 22.04 -3.03 4.97
N LEU A 323 20.81 -3.02 4.47
CA LEU A 323 20.53 -3.54 3.13
C LEU A 323 21.44 -2.93 2.08
N LEU A 324 21.57 -1.60 2.10
CA LEU A 324 22.34 -0.91 1.06
CA LEU A 324 22.34 -0.93 1.05
C LEU A 324 23.82 -1.26 1.15
N THR A 325 24.30 -1.49 2.36
CA THR A 325 25.65 -1.99 2.54
C THR A 325 25.81 -3.37 1.93
N THR A 326 24.83 -4.26 2.14
CA THR A 326 24.89 -5.58 1.55
C THR A 326 24.77 -5.52 0.02
N TYR A 327 24.14 -4.48 -0.52
CA TYR A 327 24.08 -4.32 -1.99
C TYR A 327 25.38 -3.76 -2.59
N GLY A 328 26.33 -3.36 -1.73
CA GLY A 328 27.61 -2.82 -2.17
C GLY A 328 27.78 -1.31 -2.00
N SER A 329 26.89 -0.64 -1.25
CA SER A 329 27.08 0.78 -0.95
C SER A 329 28.38 1.00 -0.17
N PRO A 330 29.24 1.93 -0.62
CA PRO A 330 30.49 2.13 0.11
C PRO A 330 30.28 2.66 1.53
N THR A 331 29.20 3.40 1.74
CA THR A 331 28.88 3.99 3.03
C THR A 331 27.49 3.52 3.46
N PRO A 332 27.31 3.23 4.77
CA PRO A 332 26.01 2.73 5.22
C PRO A 332 24.92 3.79 5.10
N ILE A 333 23.75 3.39 4.60
CA ILE A 333 22.61 4.27 4.42
C ILE A 333 21.44 3.74 5.25
N PRO A 334 21.10 4.45 6.33
CA PRO A 334 19.94 4.01 7.10
C PRO A 334 18.66 4.16 6.30
N CYS A 335 17.74 3.20 6.44
CA CYS A 335 16.45 3.24 5.76
C CYS A 335 15.38 2.68 6.66
N ALA A 336 14.15 3.08 6.39
CA ALA A 336 12.99 2.51 7.05
C ALA A 336 11.79 2.73 6.16
N GLY A 337 10.85 1.78 6.18
CA GLY A 337 9.62 1.92 5.45
C GLY A 337 8.63 0.82 5.72
N PHE A 338 7.56 0.84 4.95
CA PHE A 338 6.55 -0.19 5.06
C PHE A 338 5.90 -0.48 3.71
N GLY A 339 5.23 -1.63 3.69
CA GLY A 339 4.31 -2.00 2.65
C GLY A 339 2.90 -2.13 3.20
N PHE A 340 1.93 -1.87 2.34
CA PHE A 340 0.52 -1.79 2.72
C PHE A 340 -0.27 -2.34 1.53
N GLY A 341 -0.67 -3.60 1.65
CA GLY A 341 -1.33 -4.31 0.56
C GLY A 341 -2.75 -3.85 0.29
N ASP A 342 -3.27 -4.22 -0.88
CA ASP A 342 -4.60 -3.84 -1.29
C ASP A 342 -5.71 -4.85 -0.91
N CYS A 343 -5.35 -6.03 -0.41
CA CYS A 343 -6.35 -7.12 -0.22
C CYS A 343 -6.99 -7.11 1.18
N VAL A 344 -6.17 -7.20 2.22
CA VAL A 344 -6.67 -7.23 3.60
C VAL A 344 -7.45 -5.93 3.93
N ILE A 345 -6.88 -4.78 3.61
CA ILE A 345 -7.57 -3.51 3.89
C ILE A 345 -8.98 -3.49 3.29
N VAL A 346 -9.11 -4.03 2.09
CA VAL A 346 -10.42 -4.05 1.43
C VAL A 346 -11.41 -4.98 2.16
N GLU A 347 -10.95 -6.14 2.58
CA GLU A 347 -11.78 -7.05 3.39
C GLU A 347 -12.26 -6.36 4.67
N LEU A 348 -11.35 -5.64 5.32
CA LEU A 348 -11.67 -4.92 6.54
C LEU A 348 -12.70 -3.83 6.26
N LEU A 349 -12.42 -3.00 5.26
CA LEU A 349 -13.33 -1.92 4.86
C LEU A 349 -14.70 -2.45 4.48
N GLN A 350 -14.74 -3.59 3.79
CA GLN A 350 -16.02 -4.22 3.46
C GLN A 350 -16.75 -4.66 4.73
N GLU A 351 -16.05 -5.33 5.66
CA GLU A 351 -16.64 -5.72 6.94
C GLU A 351 -17.21 -4.52 7.71
N LYS A 352 -16.52 -3.38 7.65
CA LYS A 352 -16.98 -2.18 8.35
C LYS A 352 -18.00 -1.37 7.56
N ARG A 353 -18.33 -1.79 6.33
CA ARG A 353 -19.26 -1.06 5.46
C ARG A 353 -18.70 0.30 5.02
N LEU A 354 -17.42 0.33 4.70
CA LEU A 354 -16.73 1.57 4.32
C LEU A 354 -16.35 1.60 2.83
N LEU A 355 -16.89 0.68 2.05
CA LEU A 355 -16.65 0.68 0.61
C LEU A 355 -17.96 0.52 -0.13
N PRO A 356 -18.91 1.46 0.05
CA PRO A 356 -20.11 1.38 -0.78
C PRO A 356 -19.70 1.60 -2.24
N ASP A 357 -20.44 1.01 -3.17
CA ASP A 357 -20.21 1.27 -4.58
C ASP A 357 -20.44 2.76 -4.81
N ILE A 358 -19.55 3.41 -5.54
CA ILE A 358 -19.76 4.79 -5.96
C ILE A 358 -20.07 4.75 -7.46
N PRO A 359 -21.34 4.97 -7.83
CA PRO A 359 -21.67 4.90 -9.24
C PRO A 359 -20.95 5.95 -10.08
N HIS A 360 -20.77 5.66 -11.36
CA HIS A 360 -20.21 6.61 -12.30
C HIS A 360 -21.05 7.90 -12.37
N VAL A 361 -20.38 9.03 -12.57
CA VAL A 361 -21.06 10.30 -12.77
C VAL A 361 -20.43 11.00 -13.97
N VAL A 362 -21.19 11.94 -14.52
CA VAL A 362 -20.72 12.81 -15.60
C VAL A 362 -21.54 14.10 -15.48
N ASP A 363 -20.92 15.25 -15.77
CA ASP A 363 -21.64 16.53 -15.61
C ASP A 363 -22.82 16.65 -16.56
N ASP A 364 -22.55 16.56 -17.86
CA ASP A 364 -23.56 16.80 -18.89
C ASP A 364 -23.70 15.64 -19.86
N VAL A 365 -24.94 15.35 -20.26
CA VAL A 365 -25.20 14.55 -21.45
C VAL A 365 -25.93 15.43 -22.47
N VAL A 366 -25.27 15.64 -23.62
CA VAL A 366 -25.82 16.43 -24.71
C VAL A 366 -26.61 15.55 -25.65
N ILE A 367 -27.85 15.97 -25.91
CA ILE A 367 -28.79 15.14 -26.64
C ILE A 367 -29.24 15.90 -27.89
N PRO A 368 -28.84 15.42 -29.08
CA PRO A 368 -29.43 15.94 -30.31
C PRO A 368 -30.91 15.62 -30.33
N PHE A 369 -31.75 16.59 -30.72
CA PHE A 369 -33.17 16.33 -30.86
C PHE A 369 -33.37 15.29 -31.94
N ASP A 370 -32.58 15.39 -33.00
CA ASP A 370 -32.50 14.40 -34.05
C ASP A 370 -31.12 14.56 -34.69
N GLU A 371 -30.85 13.78 -35.73
CA GLU A 371 -29.53 13.79 -36.36
C GLU A 371 -29.17 15.09 -37.03
N SER A 372 -30.16 15.82 -37.54
CA SER A 372 -29.90 17.12 -38.13
C SER A 372 -29.33 18.11 -37.12
N MET A 373 -29.55 17.88 -35.83
CA MET A 373 -29.00 18.74 -34.77
C MET A 373 -27.62 18.31 -34.27
N ARG A 374 -27.07 17.22 -34.80
CA ARG A 374 -25.79 16.69 -34.33
C ARG A 374 -24.65 17.71 -34.44
N PRO A 375 -24.52 18.39 -35.60
CA PRO A 375 -23.43 19.39 -35.69
C PRO A 375 -23.53 20.48 -34.61
N HIS A 376 -24.73 20.98 -34.36
CA HIS A 376 -24.91 21.99 -33.30
C HIS A 376 -24.60 21.42 -31.91
N ALA A 377 -25.02 20.19 -31.67
CA ALA A 377 -24.82 19.52 -30.37
C ALA A 377 -23.34 19.29 -30.07
N LEU A 378 -22.58 19.02 -31.13
CA LEU A 378 -21.16 18.88 -31.06
C LEU A 378 -20.51 20.21 -30.67
N ALA A 379 -21.02 21.32 -31.20
CA ALA A 379 -20.50 22.64 -30.85
C ALA A 379 -20.74 22.91 -29.36
N VAL A 380 -21.92 22.52 -28.88
CA VAL A 380 -22.29 22.64 -27.48
C VAL A 380 -21.41 21.76 -26.59
N LEU A 381 -21.18 20.52 -27.03
CA LEU A 381 -20.29 19.58 -26.35
C LEU A 381 -18.89 20.18 -26.18
N ARG A 382 -18.35 20.77 -27.25
CA ARG A 382 -17.05 21.46 -27.18
C ARG A 382 -17.05 22.56 -26.13
N ARG A 383 -18.08 23.40 -26.12
CA ARG A 383 -18.19 24.48 -25.14
C ARG A 383 -18.14 23.98 -23.71
N LEU A 384 -18.93 22.95 -23.43
CA LEU A 384 -18.99 22.41 -22.08
C LEU A 384 -17.63 21.86 -21.64
N ARG A 385 -17.01 21.05 -22.48
CA ARG A 385 -15.69 20.49 -22.14
C ARG A 385 -14.64 21.59 -22.01
N ASP A 386 -14.70 22.60 -22.88
CA ASP A 386 -13.79 23.75 -22.79
C ASP A 386 -13.89 24.45 -21.44
N ALA A 387 -15.06 24.40 -20.83
CA ALA A 387 -15.29 25.01 -19.53
C ALA A 387 -14.85 24.12 -18.36
N GLY A 388 -14.25 22.96 -18.64
CA GLY A 388 -13.80 22.05 -17.60
C GLY A 388 -14.84 21.03 -17.16
N ARG A 389 -15.99 20.98 -17.82
CA ARG A 389 -17.00 20.01 -17.46
C ARG A 389 -16.72 18.66 -18.13
N SER A 390 -17.21 17.60 -17.49
CA SER A 390 -17.19 16.27 -18.08
C SER A 390 -18.51 16.09 -18.85
N ALA A 391 -18.44 15.68 -20.10
CA ALA A 391 -19.64 15.64 -20.94
C ALA A 391 -19.61 14.51 -21.95
N ASP A 392 -20.80 13.92 -22.17
CA ASP A 392 -21.04 12.99 -23.24
C ASP A 392 -21.98 13.63 -24.25
N ILE A 393 -21.94 13.09 -25.46
CA ILE A 393 -22.96 13.33 -26.46
C ILE A 393 -23.52 11.97 -26.84
N ILE A 394 -24.83 11.90 -27.05
CA ILE A 394 -25.46 10.70 -27.53
C ILE A 394 -24.82 10.40 -28.87
N LEU A 395 -24.26 9.19 -29.00
CA LEU A 395 -23.45 8.87 -30.17
C LEU A 395 -24.25 8.22 -31.28
N ASP A 396 -25.04 7.22 -30.97
CA ASP A 396 -25.81 6.54 -32.00
C ASP A 396 -27.16 7.26 -32.17
N LYS A 397 -28.01 6.73 -33.02
CA LYS A 397 -29.30 7.33 -33.30
C LYS A 397 -30.26 6.81 -32.24
N LYS A 398 -30.84 7.70 -31.44
CA LYS A 398 -31.96 7.27 -30.59
C LYS A 398 -32.94 8.37 -30.26
N LYS A 399 -34.12 7.95 -29.79
CA LYS A 399 -35.18 8.89 -29.49
C LYS A 399 -34.84 9.61 -28.19
N VAL A 400 -35.44 10.78 -28.03
CA VAL A 400 -35.15 11.65 -26.89
C VAL A 400 -35.37 10.94 -25.54
N VAL A 401 -36.49 10.24 -25.39
CA VAL A 401 -36.75 9.52 -24.13
C VAL A 401 -35.65 8.50 -23.80
N GLN A 402 -35.18 7.78 -24.80
CA GLN A 402 -34.13 6.77 -24.57
C GLN A 402 -32.81 7.48 -24.23
N ALA A 403 -32.59 8.64 -24.84
CA ALA A 403 -31.40 9.45 -24.53
C ALA A 403 -31.41 9.92 -23.06
N PHE A 404 -32.59 10.32 -22.56
CA PHE A 404 -32.74 10.67 -21.14
C PHE A 404 -32.54 9.47 -20.23
N ASN A 405 -32.97 8.30 -20.67
CA ASN A 405 -32.73 7.10 -19.90
C ASN A 405 -31.23 6.78 -19.82
N TYR A 406 -30.55 6.87 -20.97
CA TYR A 406 -29.10 6.70 -21.01
C TYR A 406 -28.42 7.72 -20.10
N ALA A 407 -28.85 8.98 -20.16
CA ALA A 407 -28.30 10.03 -19.27
C ALA A 407 -28.43 9.62 -17.80
N ASP A 408 -29.59 9.09 -17.42
CA ASP A 408 -29.80 8.63 -16.07
C ASP A 408 -28.85 7.47 -15.72
N ARG A 409 -28.72 6.51 -16.64
CA ARG A 409 -27.90 5.33 -16.41
C ARG A 409 -26.43 5.67 -16.19
N VAL A 410 -25.91 6.62 -16.96
CA VAL A 410 -24.51 7.02 -16.82
C VAL A 410 -24.25 8.01 -15.67
N GLY A 411 -25.30 8.38 -14.93
CA GLY A 411 -25.15 9.25 -13.77
C GLY A 411 -24.89 10.71 -14.15
N ALA A 412 -25.56 11.19 -15.20
CA ALA A 412 -25.48 12.59 -15.59
C ALA A 412 -26.16 13.51 -14.58
N VAL A 413 -25.50 14.61 -14.28
CA VAL A 413 -26.06 15.62 -13.40
C VAL A 413 -27.08 16.45 -14.18
N ARG A 414 -26.82 16.63 -15.47
CA ARG A 414 -27.59 17.56 -16.25
C ARG A 414 -27.74 17.02 -17.66
N ALA A 415 -28.94 17.14 -18.23
CA ALA A 415 -29.17 16.80 -19.63
C ALA A 415 -29.37 18.07 -20.43
N VAL A 416 -28.63 18.19 -21.53
CA VAL A 416 -28.70 19.36 -22.39
C VAL A 416 -29.29 18.95 -23.73
N LEU A 417 -30.55 19.32 -23.96
CA LEU A 417 -31.24 18.95 -25.19
C LEU A 417 -31.07 20.06 -26.22
N VAL A 418 -30.58 19.69 -27.41
CA VAL A 418 -30.32 20.61 -28.50
C VAL A 418 -31.39 20.42 -29.60
N ALA A 419 -32.43 21.26 -29.55
CA ALA A 419 -33.57 21.16 -30.46
C ALA A 419 -33.63 22.36 -31.42
N PRO A 420 -34.22 22.17 -32.63
CA PRO A 420 -34.20 23.19 -33.69
C PRO A 420 -34.70 24.56 -33.26
N GLU A 421 -35.82 24.60 -32.56
CA GLU A 421 -36.49 25.87 -32.28
C GLU A 421 -35.74 26.70 -31.24
N GLU A 422 -35.20 26.03 -30.22
CA GLU A 422 -34.39 26.70 -29.22
C GLU A 422 -33.09 27.19 -29.87
N TRP A 423 -32.55 26.37 -30.77
CA TRP A 423 -31.28 26.69 -31.42
C TRP A 423 -31.38 27.97 -32.24
N GLU A 424 -32.51 28.14 -32.94
CA GLU A 424 -32.77 29.35 -33.72
C GLU A 424 -32.73 30.59 -32.83
N ARG A 425 -33.12 30.42 -31.57
CA ARG A 425 -33.13 31.49 -30.59
C ARG A 425 -31.81 31.64 -29.83
N GLY A 426 -30.77 30.94 -30.28
CA GLY A 426 -29.48 30.97 -29.59
C GLY A 426 -29.54 30.28 -28.24
N GLU A 427 -30.38 29.24 -28.13
CA GLU A 427 -30.60 28.55 -26.85
C GLU A 427 -30.56 27.04 -26.99
N VAL A 428 -30.37 26.38 -25.84
CA VAL A 428 -30.57 24.95 -25.69
C VAL A 428 -31.47 24.73 -24.47
N GLN A 429 -31.97 23.50 -24.31
CA GLN A 429 -32.83 23.16 -23.17
C GLN A 429 -32.01 22.41 -22.14
N VAL A 430 -32.05 22.88 -20.90
CA VAL A 430 -31.29 22.27 -19.82
C VAL A 430 -32.24 21.68 -18.78
N LYS A 431 -31.97 20.45 -18.38
CA LYS A 431 -32.74 19.77 -17.36
C LYS A 431 -31.81 19.18 -16.30
N MET A 432 -32.03 19.58 -15.06
CA MET A 432 -31.30 19.06 -13.92
C MET A 432 -31.87 17.70 -13.56
N LEU A 433 -31.04 16.67 -13.54
CA LEU A 433 -31.51 15.30 -13.34
C LEU A 433 -31.49 14.84 -11.88
N ARG A 434 -30.73 15.52 -11.03
CA ARG A 434 -30.71 15.21 -9.59
C ARG A 434 -30.92 16.47 -8.75
N GLY A 447 -37.13 20.86 -17.77
CA GLY A 447 -36.26 21.43 -18.80
C GLY A 447 -36.59 22.90 -19.03
N PHE A 448 -35.57 23.74 -19.15
CA PHE A 448 -35.76 25.18 -19.41
C PHE A 448 -34.80 25.64 -20.49
N ALA A 449 -35.25 26.56 -21.33
CA ALA A 449 -34.38 27.13 -22.36
C ALA A 449 -33.33 28.04 -21.71
N VAL A 450 -32.10 27.98 -22.18
CA VAL A 450 -30.98 28.73 -21.62
C VAL A 450 -30.12 29.24 -22.78
N PRO A 451 -29.66 30.50 -22.74
CA PRO A 451 -28.75 30.94 -23.78
C PRO A 451 -27.44 30.15 -23.75
N LEU A 452 -26.89 29.84 -24.92
CA LEU A 452 -25.64 29.08 -25.01
C LEU A 452 -24.59 29.54 -24.00
N ASP A 453 -24.34 30.84 -23.95
CA ASP A 453 -23.27 31.40 -23.10
C ASP A 453 -23.47 31.12 -21.61
N ARG A 454 -24.72 30.98 -21.17
CA ARG A 454 -25.05 30.77 -19.76
C ARG A 454 -24.95 29.31 -19.33
N LEU A 455 -24.74 28.39 -20.26
CA LEU A 455 -24.56 26.97 -19.94
C LEU A 455 -23.42 26.72 -18.97
N VAL A 456 -22.40 27.57 -19.05
CA VAL A 456 -21.16 27.37 -18.31
C VAL A 456 -20.89 28.55 -17.39
N HIS B . 9.01 -4.90 1.41
CA HIS B . 8.31 -5.12 2.71
C HIS B . 7.23 -6.17 2.57
O HIS B . 6.62 -6.58 3.56
CB HIS B . 7.72 -3.81 3.23
CG HIS B . 8.71 -2.71 3.30
ND1 HIS B . 9.74 -2.70 4.21
CD2 HIS B . 8.86 -1.60 2.54
CE1 HIS B . 10.49 -1.62 4.02
NE2 HIS B . 9.96 -0.93 3.02
OXT HIS B . 6.96 -6.59 1.45
O1 781 C . -3.30 -10.26 1.26
C7 781 C . -3.70 -11.30 0.75
C8 781 C . -5.14 -11.76 0.96
C9 781 C . -6.08 -10.59 1.24
N 781 C . -3.17 -11.78 -0.37
C6 781 C . -1.86 -11.63 -0.73
C5 781 C . -1.59 -11.62 -2.10
C4 781 C . -0.30 -11.48 -2.58
C3 781 C . -0.10 -11.47 -3.96
C2 781 C . 1.19 -11.35 -4.47
C1 781 C . 2.28 -11.23 -3.59
C 781 C . 2.06 -11.25 -2.20
O 781 C . 3.12 -11.14 -1.36
C12 781 C . 0.78 -11.38 -1.69
C11 781 C . 0.53 -11.39 -0.31
C10 781 C . -0.79 -11.52 0.18
S SO4 D . -2.06 5.74 -12.54
O1 SO4 D . -2.79 6.22 -11.35
O2 SO4 D . -2.64 4.47 -13.03
O3 SO4 D . -2.15 6.73 -13.64
O4 SO4 D . -0.65 5.49 -12.15
C1 EDO E . 17.34 -11.10 -22.17
O1 EDO E . 16.64 -11.87 -23.15
C2 EDO E . 18.42 -10.25 -22.83
O2 EDO E . 18.71 -10.77 -24.14
#